data_8XBA
#
_entry.id   8XBA
#
_cell.length_a   45.260
_cell.length_b   84.738
_cell.length_c   100.119
_cell.angle_alpha   90.00
_cell.angle_beta   90.00
_cell.angle_gamma   90.00
#
_symmetry.space_group_name_H-M   'P 21 21 21'
#
loop_
_entity.id
_entity.type
_entity.pdbx_description
1 polymer XylA
2 branched beta-D-xylopyranose-(1-4)-alpha-D-xylopyranose
3 non-polymer GLYCEROL
4 water water
#
_entity_poly.entity_id   1
_entity_poly.type   'polypeptide(L)'
_entity_poly.pdbx_seq_one_letter_code
;MLRNHKLSKVFSATAISLFLSSTAFADTTVRMMHIETDPNVLGVWEEIAKDFEAKNPDIKVNLEFLENEAFKAKLPTLLQ
SQQKPDLFYSWGGGNFQVRAESGLLEDMEGYSATLNQELSAAGMNAFKIDGKQYGAPYMVSQVGFWYNKKLFKQAGIDGE
SIQTWDEFLTAIEKLKAAGITPIAVGGADKWPMHFYWSYLAMRAGGQEAFAAAMQDQGDGFAGEAFVRAGEELKRLAALE
PFQPGFMAAGYGESAGLFGDYKAAIHLMGDWDYNFQAQQAVDKKGVVDSDLGFMNFPVLKGGAGAGSDTLGGINGFAFAK
GAKPEAAKWLEFFLNENSQTKLAEIDQIIPVAKGADKGLKNPFKQKISQTISSAQWHQVFFDQALGADVGGVVNDISVGI
VNGDVTPKEAAEQVQEAWEMRLEHHHHHH
;
_entity_poly.pdbx_strand_id   A
#
loop_
_chem_comp.id
_chem_comp.type
_chem_comp.name
_chem_comp.formula
GOL non-polymer GLYCEROL 'C3 H8 O3'
XYP D-saccharide, beta linking beta-D-xylopyranose 'C5 H10 O5'
XYS D-saccharide, alpha linking alpha-D-xylopyranose 'C5 H10 O5'
#
# COMPACT_ATOMS: atom_id res chain seq x y z
N ASP A 27 30.66 16.27 12.98
CA ASP A 27 29.51 15.35 12.95
C ASP A 27 28.37 15.96 12.15
N THR A 28 27.63 15.11 11.46
CA THR A 28 26.50 15.54 10.65
C THR A 28 25.31 14.64 10.94
N THR A 29 24.12 15.18 10.81
CA THR A 29 22.90 14.46 11.13
C THR A 29 22.07 14.21 9.88
N VAL A 30 21.72 12.95 9.65
CA VAL A 30 20.81 12.55 8.59
C VAL A 30 19.41 12.49 9.18
N ARG A 31 18.48 13.26 8.61
CA ARG A 31 17.10 13.31 9.10
C ARG A 31 16.22 12.51 8.15
N MET A 32 15.50 11.51 8.70
CA MET A 32 14.68 10.60 7.90
C MET A 32 13.26 10.62 8.44
N MET A 33 12.33 11.14 7.62
CA MET A 33 10.91 11.19 7.97
C MET A 33 10.24 9.88 7.56
N HIS A 34 9.42 9.34 8.46
CA HIS A 34 8.82 8.04 8.21
C HIS A 34 7.45 8.01 8.89
N ILE A 35 6.71 6.93 8.64
CA ILE A 35 5.34 6.76 9.13
C ILE A 35 5.18 5.48 9.93
N GLU A 36 6.28 4.92 10.42
CA GLU A 36 6.25 3.64 11.12
C GLU A 36 5.83 3.78 12.58
N THR A 37 4.86 2.95 13.00
CA THR A 37 4.34 2.92 14.36
C THR A 37 4.67 1.66 15.14
N ASP A 38 5.11 0.61 14.47
CA ASP A 38 5.18 -0.69 15.16
C ASP A 38 6.39 -0.72 16.10
N PRO A 39 6.20 -1.06 17.37
CA PRO A 39 7.31 -1.00 18.33
C PRO A 39 8.42 -2.00 18.03
N ASN A 40 8.08 -3.18 17.50
CA ASN A 40 9.12 -4.15 17.15
C ASN A 40 9.94 -3.68 15.95
N VAL A 41 9.27 -3.10 14.95
CA VAL A 41 9.97 -2.55 13.80
C VAL A 41 10.89 -1.42 14.23
N LEU A 42 10.36 -0.49 15.04
CA LEU A 42 11.18 0.62 15.49
C LEU A 42 12.37 0.13 16.32
N GLY A 43 12.18 -0.93 17.10
CA GLY A 43 13.31 -1.52 17.81
C GLY A 43 14.39 -2.02 16.87
N VAL A 44 13.99 -2.67 15.77
CA VAL A 44 14.95 -3.12 14.78
C VAL A 44 15.61 -1.94 14.08
N TRP A 45 14.82 -0.93 13.69
CA TRP A 45 15.41 0.27 13.09
C TRP A 45 16.44 0.89 14.02
N GLU A 46 16.15 0.93 15.33
CA GLU A 46 17.09 1.53 16.27
C GLU A 46 18.37 0.71 16.39
N GLU A 47 18.25 -0.62 16.38
CA GLU A 47 19.46 -1.45 16.41
C GLU A 47 20.33 -1.19 15.19
N ILE A 48 19.70 -1.06 14.02
CA ILE A 48 20.45 -0.78 12.80
C ILE A 48 21.11 0.57 12.88
N ALA A 49 20.38 1.59 13.35
CA ALA A 49 20.94 2.93 13.45
C ALA A 49 22.09 2.98 14.44
N LYS A 50 21.96 2.30 15.59
CA LYS A 50 23.05 2.21 16.56
C LYS A 50 24.29 1.58 15.95
N ASP A 51 24.09 0.47 15.23
CA ASP A 51 25.20 -0.23 14.60
C ASP A 51 25.87 0.66 13.57
N PHE A 52 25.06 1.37 12.77
CA PHE A 52 25.61 2.29 11.79
C PHE A 52 26.41 3.42 12.44
N GLU A 53 25.89 3.98 13.55
CA GLU A 53 26.57 5.09 14.20
C GLU A 53 27.88 4.64 14.84
N ALA A 54 27.94 3.39 15.32
CA ALA A 54 29.19 2.86 15.85
C ALA A 54 30.24 2.73 14.76
N LYS A 55 29.83 2.32 13.55
CA LYS A 55 30.75 2.16 12.43
C LYS A 55 31.06 3.47 11.73
N ASN A 56 30.24 4.50 11.92
CA ASN A 56 30.40 5.79 11.24
C ASN A 56 30.28 6.85 12.32
N PRO A 57 31.33 7.06 13.11
CA PRO A 57 31.20 7.92 14.31
C PRO A 57 30.90 9.37 14.01
N ASP A 58 31.01 9.82 12.78
CA ASP A 58 30.74 11.20 12.42
C ASP A 58 29.35 11.41 11.83
N ILE A 59 28.50 10.38 11.79
CA ILE A 59 27.16 10.48 11.20
C ILE A 59 26.14 10.05 12.24
N LYS A 60 25.17 10.91 12.49
CA LYS A 60 24.05 10.61 13.37
C LYS A 60 22.77 10.45 12.55
N VAL A 61 21.85 9.62 13.02
CA VAL A 61 20.60 9.35 12.32
C VAL A 61 19.45 9.81 13.21
N ASN A 62 18.62 10.71 12.71
CA ASN A 62 17.46 11.23 13.42
C ASN A 62 16.22 10.75 12.67
N LEU A 63 15.43 9.90 13.33
CA LEU A 63 14.17 9.41 12.77
C LEU A 63 13.05 10.37 13.18
N GLU A 64 12.20 10.74 12.21
CA GLU A 64 11.15 11.74 12.42
C GLU A 64 9.83 11.15 11.98
N PHE A 65 8.98 10.82 12.96
CA PHE A 65 7.71 10.15 12.71
C PHE A 65 6.60 11.14 12.48
N LEU A 66 5.76 10.84 11.49
CA LEU A 66 4.45 11.45 11.32
C LEU A 66 3.49 10.35 10.89
N GLU A 67 2.28 10.37 11.43
CA GLU A 67 1.31 9.35 11.07
C GLU A 67 0.92 9.50 9.61
N ASN A 68 0.69 8.35 8.96
CA ASN A 68 0.30 8.21 7.55
C ASN A 68 -0.50 9.39 6.97
N GLU A 69 -1.71 9.62 7.48
CA GLU A 69 -2.54 10.68 6.90
C GLU A 69 -1.96 12.06 7.13
N ALA A 70 -1.42 12.30 8.33
CA ALA A 70 -0.79 13.59 8.61
C ALA A 70 0.43 13.81 7.74
N PHE A 71 1.22 12.75 7.53
CA PHE A 71 2.40 12.83 6.69
C PHE A 71 2.04 13.24 5.26
N LYS A 72 1.04 12.57 4.68
CA LYS A 72 0.69 12.90 3.31
C LYS A 72 0.18 14.33 3.21
N ALA A 73 -0.54 14.80 4.24
CA ALA A 73 -1.09 16.14 4.23
C ALA A 73 -0.01 17.21 4.45
N LYS A 74 0.97 16.92 5.30
CA LYS A 74 1.96 17.93 5.71
C LYS A 74 3.19 17.96 4.82
N LEU A 75 3.51 16.85 4.15
CA LEU A 75 4.75 16.80 3.39
C LEU A 75 4.89 17.89 2.34
N PRO A 76 3.86 18.27 1.57
CA PRO A 76 4.07 19.34 0.58
C PRO A 76 4.63 20.61 1.20
N THR A 77 4.08 21.06 2.33
CA THR A 77 4.63 22.25 2.98
C THR A 77 6.05 22.01 3.49
N LEU A 78 6.29 20.87 4.13
CA LEU A 78 7.61 20.60 4.70
C LEU A 78 8.67 20.50 3.62
N LEU A 79 8.34 19.84 2.51
CA LEU A 79 9.31 19.61 1.45
C LEU A 79 9.75 20.91 0.79
N GLN A 80 8.85 21.89 0.71
CA GLN A 80 9.11 23.18 0.10
C GLN A 80 9.66 24.21 1.09
N SER A 81 10.04 23.78 2.28
CA SER A 81 10.47 24.68 3.34
C SER A 81 11.88 24.32 3.78
N GLN A 82 12.41 25.13 4.69
CA GLN A 82 13.71 24.80 5.26
C GLN A 82 13.63 23.74 6.35
N GLN A 83 12.43 23.25 6.66
CA GLN A 83 12.28 22.11 7.56
C GLN A 83 12.49 20.78 6.85
N LYS A 84 12.75 20.79 5.55
CA LYS A 84 12.80 19.54 4.80
C LYS A 84 13.87 18.62 5.38
N PRO A 85 13.63 17.31 5.41
CA PRO A 85 14.62 16.35 5.87
C PRO A 85 15.57 16.00 4.74
N ASP A 86 16.50 15.09 5.03
CA ASP A 86 17.29 14.51 3.95
C ASP A 86 16.49 13.47 3.17
N LEU A 87 15.74 12.64 3.89
CA LEU A 87 15.05 11.47 3.37
C LEU A 87 13.62 11.47 3.87
N PHE A 88 12.70 10.98 3.04
CA PHE A 88 11.31 10.88 3.48
C PHE A 88 10.63 9.70 2.80
N TYR A 89 9.71 9.06 3.53
CA TYR A 89 9.00 7.90 3.01
C TYR A 89 8.21 8.27 1.75
N SER A 90 8.17 7.32 0.81
CA SER A 90 7.58 7.58 -0.49
C SER A 90 6.92 6.32 -1.03
N TRP A 91 5.80 6.53 -1.73
CA TRP A 91 5.12 5.47 -2.46
C TRP A 91 5.52 5.46 -3.92
N GLY A 92 6.48 6.29 -4.33
CA GLY A 92 6.73 6.49 -5.75
C GLY A 92 5.51 7.10 -6.42
N GLY A 93 5.30 6.71 -7.67
CA GLY A 93 4.06 7.12 -8.33
C GLY A 93 4.02 8.60 -8.72
N GLY A 94 2.79 9.10 -8.84
CA GLY A 94 2.58 10.42 -9.43
C GLY A 94 3.18 11.55 -8.62
N ASN A 95 3.04 11.51 -7.30
CA ASN A 95 3.61 12.60 -6.49
C ASN A 95 5.12 12.62 -6.58
N PHE A 96 5.75 11.43 -6.58
CA PHE A 96 7.19 11.34 -6.72
C PHE A 96 7.64 11.94 -8.05
N GLN A 97 6.92 11.61 -9.13
CA GLN A 97 7.27 12.15 -10.44
C GLN A 97 7.21 13.67 -10.45
N VAL A 98 6.13 14.24 -9.91
CA VAL A 98 5.98 15.70 -9.92
C VAL A 98 7.02 16.36 -9.03
N ARG A 99 7.32 15.77 -7.88
CA ARG A 99 8.33 16.35 -7.01
C ARG A 99 9.69 16.36 -7.69
N ALA A 100 10.00 15.30 -8.44
CA ALA A 100 11.24 15.27 -9.18
C ALA A 100 11.28 16.38 -10.24
N GLU A 101 10.20 16.54 -11.01
CA GLU A 101 10.20 17.56 -12.05
C GLU A 101 10.17 18.97 -11.49
N SER A 102 9.71 19.15 -10.26
CA SER A 102 9.63 20.45 -9.62
C SER A 102 10.94 20.85 -8.95
N GLY A 103 11.97 20.01 -9.02
CA GLY A 103 13.22 20.32 -8.36
C GLY A 103 13.21 20.19 -6.87
N LEU A 104 12.31 19.37 -6.32
CA LEU A 104 12.17 19.20 -4.88
C LEU A 104 13.00 18.03 -4.36
N LEU A 105 13.59 17.23 -5.23
CA LEU A 105 14.35 16.05 -4.84
C LEU A 105 15.83 16.25 -5.22
N GLU A 106 16.69 15.38 -4.69
CA GLU A 106 18.12 15.46 -4.95
C GLU A 106 18.58 14.20 -5.68
N ASP A 107 19.28 14.39 -6.80
CA ASP A 107 19.81 13.28 -7.59
C ASP A 107 21.04 12.73 -6.88
N MET A 108 20.94 11.50 -6.41
CA MET A 108 22.04 10.82 -5.73
C MET A 108 22.68 9.73 -6.59
N GLU A 109 22.54 9.83 -7.91
CA GLU A 109 23.12 8.83 -8.81
C GLU A 109 24.60 8.62 -8.52
N GLY A 110 25.34 9.70 -8.24
CA GLY A 110 26.76 9.58 -7.96
C GLY A 110 27.10 8.89 -6.66
N TYR A 111 26.11 8.64 -5.80
CA TYR A 111 26.32 7.98 -4.51
C TYR A 111 25.58 6.65 -4.43
N SER A 112 25.17 6.09 -5.57
CA SER A 112 24.27 4.96 -5.62
C SER A 112 24.95 3.63 -5.98
N ALA A 113 26.29 3.58 -5.99
CA ALA A 113 26.98 2.37 -6.42
C ALA A 113 26.60 1.17 -5.55
N THR A 114 26.63 1.34 -4.23
CA THR A 114 26.32 0.22 -3.35
C THR A 114 24.83 -0.10 -3.37
N LEU A 115 23.97 0.93 -3.42
CA LEU A 115 22.54 0.66 -3.51
C LEU A 115 22.21 -0.19 -4.72
N ASN A 116 22.81 0.11 -5.88
CA ASN A 116 22.52 -0.65 -7.08
C ASN A 116 23.04 -2.07 -6.99
N GLN A 117 24.10 -2.30 -6.23
CA GLN A 117 24.58 -3.66 -6.05
C GLN A 117 23.63 -4.47 -5.17
N GLU A 118 23.15 -3.88 -4.09
CA GLU A 118 22.49 -4.66 -3.05
C GLU A 118 20.97 -4.74 -3.18
N LEU A 119 20.35 -3.86 -3.95
CA LEU A 119 18.89 -3.82 -4.04
C LEU A 119 18.41 -4.29 -5.40
N SER A 120 17.14 -4.72 -5.44
CA SER A 120 16.54 -5.17 -6.68
C SER A 120 16.57 -4.06 -7.73
N ALA A 121 16.77 -4.46 -8.99
CA ALA A 121 16.80 -3.49 -10.08
C ALA A 121 15.44 -2.83 -10.26
N ALA A 122 14.35 -3.61 -10.11
CA ALA A 122 13.01 -3.06 -10.23
C ALA A 122 12.70 -2.07 -9.11
N GLY A 123 13.20 -2.34 -7.90
CA GLY A 123 13.02 -1.40 -6.81
C GLY A 123 13.80 -0.11 -7.02
N MET A 124 15.04 -0.22 -7.50
CA MET A 124 15.80 0.99 -7.80
C MET A 124 15.14 1.79 -8.93
N ASN A 125 14.61 1.10 -9.95
CA ASN A 125 13.99 1.80 -11.06
C ASN A 125 12.74 2.54 -10.63
N ALA A 126 12.04 2.05 -9.61
CA ALA A 126 10.86 2.75 -9.11
C ALA A 126 11.18 4.13 -8.59
N PHE A 127 12.45 4.39 -8.26
CA PHE A 127 12.85 5.66 -7.67
C PHE A 127 13.85 6.40 -8.54
N LYS A 128 13.89 6.05 -9.83
CA LYS A 128 14.76 6.69 -10.81
C LYS A 128 13.90 7.41 -11.85
N ILE A 129 14.29 8.64 -12.18
CA ILE A 129 13.60 9.44 -13.18
C ILE A 129 14.65 10.13 -14.05
N ASP A 130 14.52 9.96 -15.37
CA ASP A 130 15.43 10.59 -16.35
C ASP A 130 16.90 10.29 -16.04
N GLY A 131 17.17 9.04 -15.67
CA GLY A 131 18.52 8.65 -15.30
C GLY A 131 19.01 9.18 -13.98
N LYS A 132 18.15 9.81 -13.19
CA LYS A 132 18.54 10.39 -11.91
C LYS A 132 17.94 9.54 -10.79
N GLN A 133 18.78 9.16 -9.82
CA GLN A 133 18.34 8.34 -8.69
C GLN A 133 17.85 9.26 -7.58
N TYR A 134 16.53 9.36 -7.42
CA TYR A 134 15.93 10.30 -6.47
C TYR A 134 15.46 9.61 -5.19
N GLY A 135 15.74 8.32 -5.05
CA GLY A 135 15.31 7.60 -3.86
C GLY A 135 15.83 6.17 -3.93
N ALA A 136 15.42 5.37 -2.94
CA ALA A 136 15.79 3.96 -2.93
C ALA A 136 14.63 3.17 -2.34
N PRO A 137 14.42 1.94 -2.81
CA PRO A 137 13.28 1.14 -2.35
C PRO A 137 13.53 0.54 -0.98
N TYR A 138 12.43 0.33 -0.25
CA TYR A 138 12.46 -0.27 1.08
C TYR A 138 11.66 -1.57 1.18
N MET A 139 10.53 -1.62 0.52
CA MET A 139 9.68 -2.79 0.58
C MET A 139 8.72 -2.92 -0.59
N VAL A 140 8.27 -4.12 -0.85
CA VAL A 140 7.17 -4.36 -1.77
C VAL A 140 6.02 -4.94 -0.97
N SER A 141 4.80 -4.75 -1.47
CA SER A 141 3.63 -5.19 -0.72
C SER A 141 2.55 -5.73 -1.66
N GLN A 142 1.64 -6.51 -1.06
CA GLN A 142 0.43 -6.95 -1.74
C GLN A 142 -0.77 -6.61 -0.86
N VAL A 143 -1.82 -6.08 -1.48
CA VAL A 143 -3.14 -5.98 -0.84
C VAL A 143 -3.91 -7.28 -1.08
N GLY A 144 -4.50 -7.81 -0.01
CA GLY A 144 -5.36 -8.96 -0.16
C GLY A 144 -6.29 -9.04 1.04
N PHE A 145 -7.12 -10.07 1.06
CA PHE A 145 -8.10 -10.25 2.14
C PHE A 145 -7.49 -11.05 3.29
N TRP A 146 -7.15 -10.36 4.38
CA TRP A 146 -6.94 -11.07 5.64
C TRP A 146 -8.31 -11.48 6.16
N TYR A 147 -8.41 -12.69 6.71
CA TYR A 147 -9.69 -13.14 7.21
C TYR A 147 -9.52 -14.01 8.45
N ASN A 148 -10.60 -14.11 9.21
CA ASN A 148 -10.61 -14.82 10.47
C ASN A 148 -11.21 -16.19 10.25
N LYS A 149 -10.36 -17.22 10.30
CA LYS A 149 -10.84 -18.59 10.08
C LYS A 149 -11.81 -19.06 11.16
N LYS A 150 -11.65 -18.57 12.40
CA LYS A 150 -12.59 -18.95 13.45
C LYS A 150 -13.99 -18.44 13.15
N LEU A 151 -14.09 -17.18 12.72
CA LEU A 151 -15.38 -16.62 12.37
C LEU A 151 -15.95 -17.26 11.11
N PHE A 152 -15.10 -17.54 10.11
CA PHE A 152 -15.56 -18.22 8.91
C PHE A 152 -16.14 -19.60 9.24
N LYS A 153 -15.49 -20.35 10.13
CA LYS A 153 -16.01 -21.65 10.51
C LYS A 153 -17.34 -21.53 11.22
N GLN A 154 -17.47 -20.51 12.08
CA GLN A 154 -18.75 -20.24 12.72
C GLN A 154 -19.86 -20.03 11.70
N ALA A 155 -19.52 -19.41 10.57
CA ALA A 155 -20.50 -19.12 9.53
C ALA A 155 -20.60 -20.21 8.48
N GLY A 156 -19.81 -21.27 8.59
CA GLY A 156 -19.86 -22.35 7.62
C GLY A 156 -19.22 -22.00 6.29
N ILE A 157 -18.13 -21.24 6.31
CA ILE A 157 -17.43 -20.81 5.10
C ILE A 157 -16.05 -21.46 5.06
N ASP A 158 -15.70 -22.03 3.92
CA ASP A 158 -14.33 -22.49 3.67
C ASP A 158 -13.61 -21.36 2.94
N GLY A 159 -12.73 -20.66 3.67
CA GLY A 159 -12.08 -19.49 3.09
C GLY A 159 -11.23 -19.81 1.88
N GLU A 160 -10.61 -20.99 1.85
CA GLU A 160 -9.77 -21.40 0.73
C GLU A 160 -10.57 -21.69 -0.54
N SER A 161 -11.90 -21.76 -0.45
CA SER A 161 -12.74 -22.07 -1.59
C SER A 161 -13.28 -20.83 -2.30
N ILE A 162 -12.94 -19.63 -1.83
CA ILE A 162 -13.47 -18.41 -2.41
C ILE A 162 -12.54 -17.99 -3.55
N GLN A 163 -12.93 -18.32 -4.78
CA GLN A 163 -12.14 -17.99 -5.96
C GLN A 163 -12.74 -16.87 -6.79
N THR A 164 -14.06 -16.68 -6.73
CA THR A 164 -14.72 -15.70 -7.56
C THR A 164 -15.43 -14.66 -6.70
N TRP A 165 -15.75 -13.54 -7.34
CA TRP A 165 -16.45 -12.46 -6.67
C TRP A 165 -17.84 -12.90 -6.19
N ASP A 166 -18.55 -13.70 -6.99
CA ASP A 166 -19.84 -14.20 -6.55
C ASP A 166 -19.70 -15.06 -5.30
N GLU A 167 -18.67 -15.90 -5.24
CA GLU A 167 -18.43 -16.69 -4.03
C GLU A 167 -18.09 -15.82 -2.84
N PHE A 168 -17.35 -14.72 -3.07
CA PHE A 168 -17.05 -13.79 -1.99
C PHE A 168 -18.33 -13.16 -1.45
N LEU A 169 -19.21 -12.73 -2.34
CA LEU A 169 -20.46 -12.12 -1.89
C LEU A 169 -21.32 -13.13 -1.14
N THR A 170 -21.31 -14.39 -1.57
CA THR A 170 -22.03 -15.42 -0.82
C THR A 170 -21.48 -15.57 0.59
N ALA A 171 -20.15 -15.56 0.75
CA ALA A 171 -19.55 -15.59 2.08
C ALA A 171 -20.00 -14.40 2.92
N ILE A 172 -20.07 -13.21 2.31
CA ILE A 172 -20.60 -12.04 3.03
C ILE A 172 -21.98 -12.33 3.58
N GLU A 173 -22.86 -12.89 2.75
CA GLU A 173 -24.22 -13.17 3.20
C GLU A 173 -24.25 -14.21 4.30
N LYS A 174 -23.38 -15.23 4.21
CA LYS A 174 -23.29 -16.24 5.26
C LYS A 174 -22.80 -15.63 6.57
N LEU A 175 -21.84 -14.71 6.50
CA LEU A 175 -21.36 -14.05 7.72
C LEU A 175 -22.47 -13.26 8.39
N LYS A 176 -23.22 -12.48 7.59
CA LYS A 176 -24.33 -11.70 8.13
C LYS A 176 -25.37 -12.62 8.76
N ALA A 177 -25.67 -13.75 8.12
CA ALA A 177 -26.65 -14.67 8.66
C ALA A 177 -26.22 -15.22 10.02
N ALA A 178 -24.92 -15.33 10.25
CA ALA A 178 -24.37 -15.82 11.51
C ALA A 178 -24.18 -14.71 12.54
N GLY A 179 -24.63 -13.49 12.25
CA GLY A 179 -24.48 -12.36 13.16
C GLY A 179 -23.10 -11.77 13.23
N ILE A 180 -22.22 -12.09 12.29
CA ILE A 180 -20.83 -11.63 12.31
C ILE A 180 -20.69 -10.48 11.32
N THR A 181 -20.14 -9.36 11.78
CA THR A 181 -19.86 -8.24 10.89
C THR A 181 -18.87 -8.70 9.82
N PRO A 182 -19.23 -8.67 8.55
CA PRO A 182 -18.37 -9.28 7.54
C PRO A 182 -17.04 -8.58 7.35
N ILE A 183 -17.03 -7.25 7.20
CA ILE A 183 -15.85 -6.51 6.76
C ILE A 183 -15.58 -5.34 7.70
N ALA A 184 -14.32 -5.19 8.13
CA ALA A 184 -13.86 -3.96 8.75
C ALA A 184 -13.24 -3.07 7.66
N VAL A 185 -13.63 -1.80 7.62
CA VAL A 185 -13.04 -0.86 6.68
C VAL A 185 -12.85 0.50 7.35
N GLY A 186 -11.72 1.14 7.07
CA GLY A 186 -11.45 2.46 7.59
C GLY A 186 -11.96 3.54 6.66
N GLY A 187 -13.30 3.71 6.64
CA GLY A 187 -13.93 4.56 5.66
C GLY A 187 -13.53 6.02 5.75
N ALA A 188 -13.21 6.49 6.96
CA ALA A 188 -12.81 7.89 7.13
C ALA A 188 -11.53 8.22 6.37
N ASP A 189 -10.62 7.24 6.25
CA ASP A 189 -9.38 7.49 5.54
C ASP A 189 -9.53 7.33 4.03
N LYS A 190 -10.62 6.72 3.56
CA LYS A 190 -11.01 6.60 2.15
C LYS A 190 -10.16 5.60 1.36
N TRP A 191 -8.83 5.70 1.44
CA TRP A 191 -7.99 4.77 0.70
C TRP A 191 -8.26 3.28 1.02
N PRO A 192 -8.66 2.88 2.24
CA PRO A 192 -8.99 1.46 2.43
C PRO A 192 -10.17 1.01 1.60
N MET A 193 -11.12 1.92 1.31
CA MET A 193 -12.23 1.57 0.44
C MET A 193 -11.82 1.57 -1.01
N HIS A 194 -10.86 2.40 -1.41
CA HIS A 194 -10.40 2.40 -2.79
C HIS A 194 -9.74 1.11 -3.23
N PHE A 195 -9.26 0.35 -2.28
CA PHE A 195 -8.76 -0.96 -2.61
C PHE A 195 -9.83 -1.82 -3.30
N TYR A 196 -11.09 -1.67 -2.88
CA TYR A 196 -12.18 -2.44 -3.48
C TYR A 196 -12.42 -1.99 -4.91
N TRP A 197 -12.60 -0.67 -5.12
CA TRP A 197 -12.86 -0.16 -6.46
C TRP A 197 -11.70 -0.48 -7.40
N SER A 198 -10.46 -0.32 -6.91
CA SER A 198 -9.27 -0.57 -7.74
C SER A 198 -9.17 -2.03 -8.13
N TYR A 199 -9.34 -2.95 -7.19
CA TYR A 199 -9.22 -4.34 -7.53
C TYR A 199 -10.34 -4.76 -8.48
N LEU A 200 -11.54 -4.26 -8.25
CA LEU A 200 -12.62 -4.62 -9.16
C LEU A 200 -12.35 -4.12 -10.58
N ALA A 201 -11.79 -2.91 -10.71
CA ALA A 201 -11.39 -2.42 -12.02
C ALA A 201 -10.28 -3.26 -12.63
N MET A 202 -9.30 -3.69 -11.83
CA MET A 202 -8.23 -4.55 -12.34
C MET A 202 -8.80 -5.88 -12.82
N ARG A 203 -9.72 -6.47 -12.05
CA ARG A 203 -10.30 -7.75 -12.42
C ARG A 203 -11.20 -7.61 -13.64
N ALA A 204 -11.96 -6.51 -13.74
CA ALA A 204 -12.86 -6.34 -14.88
C ALA A 204 -12.10 -6.09 -16.17
N GLY A 205 -11.11 -5.20 -16.11
CA GLY A 205 -10.49 -4.70 -17.33
C GLY A 205 -9.13 -5.28 -17.68
N GLY A 206 -8.44 -5.85 -16.70
CA GLY A 206 -7.09 -6.35 -16.92
C GLY A 206 -6.12 -5.19 -17.11
N GLN A 207 -4.84 -5.57 -17.30
CA GLN A 207 -3.78 -4.57 -17.40
C GLN A 207 -4.01 -3.61 -18.56
N GLU A 208 -4.56 -4.10 -19.66
CA GLU A 208 -4.73 -3.22 -20.78
C GLU A 208 -5.77 -2.11 -20.59
N ALA A 209 -6.82 -2.40 -19.87
CA ALA A 209 -7.77 -1.32 -19.62
C ALA A 209 -7.13 -0.20 -18.83
N PHE A 210 -6.31 -0.56 -17.83
CA PHE A 210 -5.63 0.45 -17.02
C PHE A 210 -4.56 1.17 -17.82
N ALA A 211 -3.74 0.42 -18.57
CA ALA A 211 -2.70 1.04 -19.40
C ALA A 211 -3.29 2.04 -20.37
N ALA A 212 -4.41 1.69 -20.99
CA ALA A 212 -5.05 2.60 -21.95
C ALA A 212 -5.58 3.84 -21.24
N ALA A 213 -6.16 3.67 -20.05
CA ALA A 213 -6.66 4.81 -19.29
C ALA A 213 -5.52 5.75 -18.92
N MET A 214 -4.37 5.19 -18.53
CA MET A 214 -3.22 6.02 -18.19
C MET A 214 -2.76 6.84 -19.38
N GLN A 215 -2.88 6.28 -20.59
CA GLN A 215 -2.55 7.01 -21.80
C GLN A 215 -3.70 7.85 -22.33
N ASP A 216 -4.83 7.92 -21.62
CA ASP A 216 -5.98 8.72 -22.04
C ASP A 216 -6.55 8.24 -23.39
N GLN A 217 -6.43 6.96 -23.68
CA GLN A 217 -6.95 6.40 -24.92
C GLN A 217 -8.41 5.97 -24.73
N GLY A 218 -9.18 6.05 -25.80
CA GLY A 218 -10.58 5.64 -25.71
C GLY A 218 -11.35 6.47 -24.71
N ASP A 219 -12.20 5.79 -23.94
CA ASP A 219 -12.93 6.46 -22.87
C ASP A 219 -12.12 6.58 -21.59
N GLY A 220 -10.90 6.05 -21.55
CA GLY A 220 -10.04 6.23 -20.40
C GLY A 220 -10.65 5.64 -19.15
N PHE A 221 -10.55 6.39 -18.05
CA PHE A 221 -11.09 5.92 -16.77
C PHE A 221 -12.61 5.95 -16.73
N ALA A 222 -13.26 6.49 -17.76
CA ALA A 222 -14.71 6.43 -17.86
C ALA A 222 -15.16 5.20 -18.64
N GLY A 223 -14.24 4.31 -19.00
CA GLY A 223 -14.56 3.13 -19.78
C GLY A 223 -15.27 2.06 -18.98
N GLU A 224 -15.62 0.99 -19.70
CA GLU A 224 -16.58 0.01 -19.19
C GLU A 224 -16.04 -0.71 -17.96
N ALA A 225 -14.75 -1.01 -17.94
CA ALA A 225 -14.17 -1.73 -16.80
C ALA A 225 -14.27 -0.92 -15.53
N PHE A 226 -14.19 0.41 -15.65
CA PHE A 226 -14.24 1.26 -14.46
C PHE A 226 -15.66 1.53 -14.03
N VAL A 227 -16.59 1.53 -14.95
CA VAL A 227 -17.98 1.61 -14.60
C VAL A 227 -18.39 0.28 -13.94
N ARG A 228 -17.91 -0.83 -14.49
CA ARG A 228 -18.22 -2.13 -13.88
C ARG A 228 -17.65 -2.21 -12.47
N ALA A 229 -16.46 -1.65 -12.24
CA ALA A 229 -15.90 -1.65 -10.90
C ALA A 229 -16.84 -0.98 -9.91
N GLY A 230 -17.41 0.16 -10.31
CA GLY A 230 -18.35 0.85 -9.44
C GLY A 230 -19.64 0.06 -9.26
N GLU A 231 -20.12 -0.58 -10.32
CA GLU A 231 -21.32 -1.39 -10.22
C GLU A 231 -21.14 -2.54 -9.24
N GLU A 232 -19.97 -3.18 -9.26
CA GLU A 232 -19.71 -4.29 -8.34
C GLU A 232 -19.49 -3.79 -6.91
N LEU A 233 -18.87 -2.62 -6.75
CA LEU A 233 -18.72 -2.06 -5.41
C LEU A 233 -20.08 -1.67 -4.82
N LYS A 234 -20.96 -1.10 -5.66
CA LYS A 234 -22.32 -0.78 -5.21
C LYS A 234 -23.07 -2.05 -4.81
N ARG A 235 -22.85 -3.14 -5.55
CA ARG A 235 -23.46 -4.42 -5.22
C ARG A 235 -23.00 -4.91 -3.85
N LEU A 236 -21.71 -4.85 -3.58
CA LEU A 236 -21.20 -5.21 -2.25
C LEU A 236 -21.79 -4.30 -1.19
N ALA A 237 -21.80 -2.98 -1.45
CA ALA A 237 -22.36 -2.04 -0.47
C ALA A 237 -23.82 -2.32 -0.16
N ALA A 238 -24.56 -2.82 -1.16
CA ALA A 238 -25.97 -3.12 -0.95
C ALA A 238 -26.20 -4.25 0.02
N LEU A 239 -25.22 -5.12 0.21
CA LEU A 239 -25.29 -6.16 1.22
C LEU A 239 -25.06 -5.62 2.63
N GLU A 240 -24.71 -4.34 2.76
CA GLU A 240 -24.36 -3.73 4.03
C GLU A 240 -23.32 -4.55 4.79
N PRO A 241 -22.11 -4.70 4.25
CA PRO A 241 -21.14 -5.64 4.85
C PRO A 241 -20.19 -5.02 5.85
N PHE A 242 -20.22 -3.71 6.05
CA PHE A 242 -19.21 -3.03 6.83
C PHE A 242 -19.70 -2.81 8.26
N GLN A 243 -18.77 -2.48 9.14
CA GLN A 243 -19.16 -2.24 10.52
C GLN A 243 -20.00 -0.97 10.61
N PRO A 244 -20.88 -0.87 11.60
CA PRO A 244 -21.63 0.37 11.79
C PRO A 244 -20.71 1.56 11.97
N GLY A 245 -21.04 2.67 11.30
CA GLY A 245 -20.24 3.87 11.42
C GLY A 245 -18.90 3.81 10.74
N PHE A 246 -18.75 2.96 9.71
CA PHE A 246 -17.45 2.78 9.06
C PHE A 246 -16.91 4.09 8.50
N MET A 247 -17.77 5.02 8.12
CA MET A 247 -17.28 6.28 7.57
C MET A 247 -16.60 7.17 8.59
N ALA A 248 -16.74 6.87 9.89
CA ALA A 248 -16.03 7.61 10.92
C ALA A 248 -14.77 6.90 11.38
N ALA A 249 -14.48 5.70 10.88
CA ALA A 249 -13.34 4.91 11.33
C ALA A 249 -12.14 5.13 10.43
N GLY A 250 -10.98 5.43 11.03
CA GLY A 250 -9.73 5.38 10.30
C GLY A 250 -9.15 3.97 10.27
N TYR A 251 -8.00 3.86 9.61
CA TYR A 251 -7.34 2.56 9.46
C TYR A 251 -7.00 1.94 10.81
N GLY A 252 -6.51 2.75 11.76
CA GLY A 252 -6.18 2.21 13.08
C GLY A 252 -7.39 1.58 13.76
N GLU A 253 -8.54 2.24 13.70
CA GLU A 253 -9.74 1.70 14.33
C GLU A 253 -10.23 0.44 13.62
N SER A 254 -10.15 0.44 12.28
CA SER A 254 -10.60 -0.71 11.51
C SER A 254 -9.74 -1.93 11.78
N ALA A 255 -8.41 -1.75 11.79
CA ALA A 255 -7.51 -2.86 12.09
C ALA A 255 -7.73 -3.38 13.50
N GLY A 256 -8.04 -2.48 14.44
CA GLY A 256 -8.38 -2.92 15.80
C GLY A 256 -9.63 -3.78 15.85
N LEU A 257 -10.64 -3.43 15.04
CA LEU A 257 -11.85 -4.26 14.97
C LEU A 257 -11.52 -5.67 14.49
N PHE A 258 -10.68 -5.78 13.46
CA PHE A 258 -10.25 -7.08 12.99
C PHE A 258 -9.47 -7.82 14.07
N GLY A 259 -8.51 -7.13 14.70
CA GLY A 259 -7.70 -7.77 15.72
C GLY A 259 -8.52 -8.23 16.91
N ASP A 260 -9.64 -7.56 17.19
CA ASP A 260 -10.48 -7.87 18.33
C ASP A 260 -11.56 -8.90 18.00
N TYR A 261 -11.48 -9.56 16.84
CA TYR A 261 -12.47 -10.58 16.43
C TYR A 261 -13.86 -9.99 16.26
N LYS A 262 -13.96 -8.70 15.89
CA LYS A 262 -15.24 -8.02 15.73
C LYS A 262 -15.69 -7.88 14.28
N ALA A 263 -14.86 -8.29 13.33
CA ALA A 263 -15.21 -8.34 11.92
C ALA A 263 -14.37 -9.44 11.29
N ALA A 264 -14.90 -10.09 10.26
CA ALA A 264 -14.29 -11.30 9.76
C ALA A 264 -13.24 -11.09 8.66
N ILE A 265 -13.26 -9.94 7.97
CA ILE A 265 -12.49 -9.74 6.74
C ILE A 265 -11.89 -8.34 6.76
N HIS A 266 -10.65 -8.21 6.28
CA HIS A 266 -9.95 -6.93 6.22
C HIS A 266 -9.12 -6.89 4.95
N LEU A 267 -9.52 -6.08 3.96
CA LEU A 267 -8.77 -5.93 2.72
C LEU A 267 -7.64 -4.93 2.94
N MET A 268 -6.40 -5.41 2.96
CA MET A 268 -5.32 -4.53 3.41
C MET A 268 -3.99 -5.05 2.87
N GLY A 269 -3.01 -4.15 2.83
CA GLY A 269 -1.65 -4.55 2.55
C GLY A 269 -1.14 -5.55 3.56
N ASP A 270 -0.05 -6.24 3.19
CA ASP A 270 0.48 -7.29 4.05
C ASP A 270 1.09 -6.74 5.34
N TRP A 271 1.36 -5.43 5.40
CA TRP A 271 1.77 -4.81 6.66
C TRP A 271 0.70 -4.91 7.75
N ASP A 272 -0.52 -5.31 7.40
CA ASP A 272 -1.58 -5.41 8.39
C ASP A 272 -1.31 -6.51 9.41
N TYR A 273 -0.50 -7.50 9.04
CA TYR A 273 -0.27 -8.67 9.90
C TYR A 273 0.16 -8.24 11.30
N ASN A 274 1.19 -7.39 11.37
CA ASN A 274 1.62 -6.91 12.67
C ASN A 274 0.68 -5.83 13.22
N PHE A 275 0.02 -5.07 12.34
CA PHE A 275 -0.75 -3.91 12.80
C PHE A 275 -2.02 -4.34 13.53
N GLN A 276 -2.73 -5.33 13.00
CA GLN A 276 -3.95 -5.79 13.66
C GLN A 276 -3.65 -6.37 15.04
N ALA A 277 -2.45 -6.94 15.22
CA ALA A 277 -2.04 -7.39 16.54
C ALA A 277 -1.79 -6.20 17.47
N GLN A 278 -1.05 -5.19 16.99
CA GLN A 278 -0.76 -4.04 17.82
C GLN A 278 -2.01 -3.25 18.17
N GLN A 279 -3.01 -3.24 17.29
CA GLN A 279 -4.22 -2.46 17.50
C GLN A 279 -5.25 -3.19 18.34
N ALA A 280 -5.07 -4.50 18.54
CA ALA A 280 -5.96 -5.30 19.36
C ALA A 280 -5.78 -4.99 20.84
N VAL A 281 -6.87 -5.11 21.60
CA VAL A 281 -6.78 -4.87 23.04
C VAL A 281 -5.73 -5.77 23.68
N ASP A 282 -5.64 -7.02 23.23
CA ASP A 282 -4.74 -7.98 23.85
C ASP A 282 -3.34 -7.98 23.24
N LYS A 283 -3.06 -7.08 22.30
CA LYS A 283 -1.75 -6.95 21.66
C LYS A 283 -1.32 -8.20 20.89
N LYS A 284 -2.26 -9.10 20.59
CA LYS A 284 -2.01 -10.29 19.79
C LYS A 284 -2.89 -10.36 18.55
N GLY A 285 -4.13 -9.89 18.63
CA GLY A 285 -5.02 -9.92 17.48
C GLY A 285 -5.41 -11.32 17.07
N VAL A 286 -5.66 -11.47 15.77
CA VAL A 286 -6.02 -12.77 15.20
C VAL A 286 -4.73 -13.58 15.12
N VAL A 287 -4.60 -14.58 16.00
CA VAL A 287 -3.38 -15.38 16.02
C VAL A 287 -3.30 -16.28 14.79
N ASP A 288 -2.10 -16.81 14.54
CA ASP A 288 -1.84 -17.55 13.31
C ASP A 288 -2.82 -18.70 13.10
N SER A 289 -3.17 -19.40 14.19
CA SER A 289 -4.08 -20.54 14.07
C SER A 289 -5.48 -20.13 13.63
N ASP A 290 -5.84 -18.84 13.78
CA ASP A 290 -7.15 -18.32 13.42
C ASP A 290 -7.12 -17.42 12.18
N LEU A 291 -5.97 -17.27 11.52
CA LEU A 291 -5.79 -16.26 10.48
C LEU A 291 -5.66 -16.90 9.11
N GLY A 292 -6.30 -16.27 8.12
CA GLY A 292 -6.14 -16.65 6.73
C GLY A 292 -5.83 -15.42 5.89
N PHE A 293 -5.30 -15.68 4.70
CA PHE A 293 -5.09 -14.63 3.71
C PHE A 293 -5.48 -15.19 2.35
N MET A 294 -6.25 -14.42 1.58
CA MET A 294 -6.59 -14.84 0.23
C MET A 294 -6.41 -13.69 -0.73
N ASN A 295 -6.04 -14.01 -1.96
CA ASN A 295 -5.97 -13.02 -3.02
C ASN A 295 -7.37 -12.48 -3.35
N PHE A 296 -7.39 -11.31 -3.98
CA PHE A 296 -8.67 -10.79 -4.45
C PHE A 296 -9.21 -11.74 -5.53
N PRO A 297 -10.49 -12.09 -5.49
CA PRO A 297 -11.01 -13.10 -6.43
C PRO A 297 -11.10 -12.58 -7.86
N VAL A 298 -11.43 -13.49 -8.77
CA VAL A 298 -11.67 -13.13 -10.15
C VAL A 298 -13.14 -12.74 -10.34
N LEU A 299 -13.40 -12.01 -11.42
CA LEU A 299 -14.72 -11.51 -11.74
C LEU A 299 -15.18 -12.18 -13.02
N LYS A 300 -16.36 -12.78 -12.99
CA LYS A 300 -16.80 -13.51 -14.18
C LYS A 300 -16.94 -12.56 -15.36
N GLY A 301 -16.42 -12.99 -16.50
CA GLY A 301 -16.37 -12.14 -17.67
C GLY A 301 -15.24 -11.13 -17.67
N GLY A 302 -14.50 -11.00 -16.58
CA GLY A 302 -13.44 -10.02 -16.52
C GLY A 302 -12.18 -10.46 -17.27
N ALA A 303 -11.39 -9.47 -17.66
CA ALA A 303 -10.13 -9.71 -18.35
C ALA A 303 -8.94 -9.86 -17.41
N GLY A 304 -9.10 -9.52 -16.14
CA GLY A 304 -7.99 -9.63 -15.21
C GLY A 304 -7.75 -11.05 -14.75
N ALA A 305 -6.50 -11.33 -14.38
CA ALA A 305 -6.10 -12.61 -13.82
C ALA A 305 -6.08 -12.55 -12.30
N GLY A 306 -6.40 -13.69 -11.67
CA GLY A 306 -6.35 -13.77 -10.23
C GLY A 306 -4.97 -13.56 -9.67
N SER A 307 -3.94 -13.76 -10.48
CA SER A 307 -2.56 -13.56 -10.07
C SER A 307 -2.12 -12.10 -10.12
N ASP A 308 -2.88 -11.23 -10.78
CA ASP A 308 -2.55 -9.81 -10.81
C ASP A 308 -2.70 -9.21 -9.42
N THR A 309 -1.74 -8.41 -9.01
CA THR A 309 -1.67 -7.93 -7.63
C THR A 309 -1.73 -6.40 -7.58
N LEU A 310 -2.47 -5.89 -6.61
CA LEU A 310 -2.45 -4.49 -6.22
C LEU A 310 -1.53 -4.37 -5.01
N GLY A 311 -0.69 -3.33 -5.01
CA GLY A 311 0.27 -3.19 -3.94
C GLY A 311 1.18 -2.00 -4.18
N GLY A 312 2.40 -2.08 -3.70
CA GLY A 312 3.29 -0.95 -3.86
C GLY A 312 4.74 -1.35 -3.86
N ILE A 313 5.56 -0.40 -4.28
CA ILE A 313 7.01 -0.44 -4.06
C ILE A 313 7.30 0.84 -3.31
N ASN A 314 7.48 0.74 -2.00
CA ASN A 314 7.69 1.93 -1.19
C ASN A 314 9.17 2.08 -0.89
N GLY A 315 9.55 3.31 -0.57
CA GLY A 315 10.95 3.59 -0.35
C GLY A 315 11.17 4.89 0.37
N PHE A 316 12.40 5.39 0.28
CA PHE A 316 12.76 6.69 0.83
C PHE A 316 13.33 7.56 -0.28
N ALA A 317 12.74 8.73 -0.44
CA ALA A 317 13.18 9.71 -1.43
C ALA A 317 14.16 10.69 -0.80
N PHE A 318 15.09 11.21 -1.61
CA PHE A 318 16.03 12.23 -1.17
C PHE A 318 15.45 13.61 -1.46
N ALA A 319 15.24 14.42 -0.43
CA ALA A 319 14.79 15.79 -0.65
C ALA A 319 15.94 16.62 -1.20
N LYS A 320 15.59 17.68 -1.94
CA LYS A 320 16.60 18.60 -2.44
C LYS A 320 17.53 19.03 -1.32
N GLY A 321 18.83 18.98 -1.59
CA GLY A 321 19.83 19.35 -0.60
C GLY A 321 20.32 18.21 0.27
N ALA A 322 19.81 17.00 0.07
CA ALA A 322 20.20 15.86 0.89
C ALA A 322 21.71 15.69 0.88
N LYS A 323 22.26 15.41 2.04
CA LYS A 323 23.70 15.31 2.17
C LYS A 323 24.20 13.93 1.74
N PRO A 324 25.46 13.83 1.31
CA PRO A 324 26.01 12.51 0.94
C PRO A 324 25.91 11.48 2.05
N GLU A 325 26.00 11.92 3.29
CA GLU A 325 25.84 11.01 4.43
C GLU A 325 24.48 10.35 4.44
N ALA A 326 23.47 10.94 3.79
CA ALA A 326 22.16 10.31 3.76
C ALA A 326 22.17 9.07 2.89
N ALA A 327 22.95 9.08 1.81
CA ALA A 327 23.14 7.88 1.01
C ALA A 327 23.97 6.84 1.76
N LYS A 328 24.96 7.29 2.52
CA LYS A 328 25.73 6.36 3.36
C LYS A 328 24.82 5.63 4.34
N TRP A 329 23.91 6.36 4.97
CA TRP A 329 22.95 5.73 5.87
C TRP A 329 22.03 4.76 5.13
N LEU A 330 21.46 5.20 4.01
CA LEU A 330 20.50 4.36 3.31
C LEU A 330 21.12 3.06 2.82
N GLU A 331 22.37 3.09 2.36
CA GLU A 331 22.96 1.86 1.88
C GLU A 331 23.18 0.83 2.99
N PHE A 332 23.32 1.29 4.24
CA PHE A 332 23.40 0.41 5.39
C PHE A 332 22.00 -0.02 5.86
N PHE A 333 21.10 0.96 5.99
CA PHE A 333 19.75 0.67 6.45
C PHE A 333 19.04 -0.31 5.52
N LEU A 334 19.31 -0.23 4.22
CA LEU A 334 18.69 -1.10 3.24
C LEU A 334 19.53 -2.33 2.88
N ASN A 335 20.58 -2.62 3.64
CA ASN A 335 21.45 -3.72 3.24
C ASN A 335 20.81 -5.09 3.54
N GLU A 336 21.48 -6.14 3.09
CA GLU A 336 20.89 -7.47 3.16
C GLU A 336 20.60 -7.87 4.61
N ASN A 337 21.53 -7.59 5.51
CA ASN A 337 21.32 -7.96 6.91
C ASN A 337 20.15 -7.18 7.51
N SER A 338 20.12 -5.86 7.31
CA SER A 338 19.05 -5.04 7.86
C SER A 338 17.70 -5.52 7.37
N GLN A 339 17.60 -5.78 6.06
CA GLN A 339 16.34 -6.18 5.47
C GLN A 339 15.95 -7.59 5.90
N THR A 340 16.94 -8.47 6.12
CA THR A 340 16.64 -9.80 6.64
C THR A 340 15.97 -9.72 8.01
N LYS A 341 16.49 -8.86 8.88
CA LYS A 341 15.88 -8.64 10.19
C LYS A 341 14.44 -8.20 10.06
N LEU A 342 14.15 -7.27 9.14
CA LEU A 342 12.79 -6.77 9.01
C LEU A 342 11.86 -7.79 8.38
N ALA A 343 12.38 -8.71 7.58
CA ALA A 343 11.56 -9.83 7.12
C ALA A 343 11.29 -10.82 8.24
N GLU A 344 12.28 -11.03 9.10
CA GLU A 344 12.17 -12.02 10.17
C GLU A 344 11.22 -11.60 11.26
N ILE A 345 10.96 -10.31 11.42
CA ILE A 345 9.93 -9.84 12.34
C ILE A 345 8.57 -9.66 11.64
N ASP A 346 8.42 -10.25 10.46
CA ASP A 346 7.14 -10.37 9.76
C ASP A 346 6.64 -9.04 9.23
N GLN A 347 7.50 -8.04 9.07
CA GLN A 347 7.02 -6.72 8.66
C GLN A 347 7.02 -6.52 7.14
N ILE A 348 8.17 -6.67 6.50
CA ILE A 348 8.30 -6.31 5.08
C ILE A 348 8.53 -7.55 4.24
N ILE A 349 8.11 -7.46 2.99
CA ILE A 349 8.69 -8.26 1.91
C ILE A 349 9.87 -7.46 1.37
N PRO A 350 11.10 -7.90 1.56
CA PRO A 350 12.25 -7.03 1.32
C PRO A 350 12.57 -6.83 -0.15
N VAL A 351 13.37 -5.79 -0.39
CA VAL A 351 13.90 -5.50 -1.72
C VAL A 351 15.39 -5.80 -1.83
N ALA A 352 16.10 -5.99 -0.73
CA ALA A 352 17.52 -6.28 -0.82
C ALA A 352 17.73 -7.71 -1.31
N LYS A 353 18.67 -7.89 -2.23
CA LYS A 353 19.01 -9.21 -2.74
C LYS A 353 19.42 -10.13 -1.59
N GLY A 354 18.82 -11.32 -1.57
CA GLY A 354 19.13 -12.30 -0.56
C GLY A 354 18.37 -12.17 0.73
N ALA A 355 17.71 -11.04 0.96
CA ALA A 355 16.98 -10.86 2.22
C ALA A 355 15.69 -11.68 2.28
N ASP A 356 15.27 -12.25 1.16
CA ASP A 356 14.12 -13.15 1.19
C ASP A 356 14.36 -14.39 2.04
N LYS A 357 15.61 -14.70 2.39
CA LYS A 357 15.90 -15.76 3.35
C LYS A 357 15.22 -15.50 4.68
N GLY A 358 14.94 -14.24 5.00
CA GLY A 358 14.28 -13.92 6.25
C GLY A 358 12.78 -14.10 6.25
N LEU A 359 12.19 -14.48 5.11
CA LEU A 359 10.74 -14.67 5.00
C LEU A 359 10.37 -16.07 5.49
N LYS A 360 10.43 -16.25 6.81
CA LYS A 360 10.09 -17.52 7.45
C LYS A 360 8.62 -17.67 7.75
N ASN A 361 7.91 -16.56 7.91
CA ASN A 361 6.50 -16.63 8.28
C ASN A 361 5.71 -17.20 7.11
N PRO A 362 4.81 -18.16 7.34
CA PRO A 362 4.09 -18.77 6.21
C PRO A 362 3.23 -17.78 5.43
N PHE A 363 2.58 -16.83 6.11
CA PHE A 363 1.75 -15.87 5.39
C PHE A 363 2.61 -15.00 4.48
N LYS A 364 3.71 -14.47 5.01
CA LYS A 364 4.56 -13.57 4.25
C LYS A 364 5.31 -14.30 3.15
N GLN A 365 5.67 -15.55 3.37
CA GLN A 365 6.33 -16.32 2.33
C GLN A 365 5.42 -16.49 1.12
N LYS A 366 4.17 -16.90 1.36
CA LYS A 366 3.25 -17.07 0.25
C LYS A 366 2.97 -15.76 -0.46
N ILE A 367 2.85 -14.66 0.29
CA ILE A 367 2.59 -13.37 -0.33
C ILE A 367 3.76 -12.95 -1.22
N SER A 368 4.99 -13.17 -0.75
CA SER A 368 6.16 -12.84 -1.56
C SER A 368 6.19 -13.64 -2.85
N GLN A 369 5.69 -14.89 -2.81
CA GLN A 369 5.61 -15.67 -4.03
C GLN A 369 4.56 -15.12 -4.99
N THR A 370 3.40 -14.70 -4.48
CA THR A 370 2.40 -14.08 -5.33
C THR A 370 2.96 -12.83 -6.00
N ILE A 371 3.68 -12.00 -5.22
CA ILE A 371 4.27 -10.78 -5.79
C ILE A 371 5.27 -11.14 -6.88
N SER A 372 6.14 -12.11 -6.62
CA SER A 372 7.15 -12.49 -7.61
C SER A 372 6.54 -13.05 -8.88
N SER A 373 5.41 -13.74 -8.75
CA SER A 373 4.80 -14.41 -9.90
C SER A 373 3.90 -13.50 -10.72
N ALA A 374 3.50 -12.35 -10.18
CA ALA A 374 2.50 -11.52 -10.82
C ALA A 374 3.03 -10.94 -12.14
N GLN A 375 2.27 -11.12 -13.22
CA GLN A 375 2.65 -10.41 -14.45
C GLN A 375 2.30 -8.94 -14.35
N TRP A 376 1.19 -8.62 -13.70
CA TRP A 376 0.77 -7.24 -13.45
C TRP A 376 0.79 -7.03 -11.93
N HIS A 377 1.75 -6.21 -11.47
CA HIS A 377 1.85 -5.76 -10.09
C HIS A 377 1.62 -4.25 -10.16
N GLN A 378 0.42 -3.83 -9.81
CA GLN A 378 -0.03 -2.46 -10.00
C GLN A 378 0.09 -1.68 -8.69
N VAL A 379 0.78 -0.53 -8.75
CA VAL A 379 0.81 0.39 -7.62
C VAL A 379 -0.58 0.93 -7.31
N PHE A 380 -0.85 1.13 -6.02
CA PHE A 380 -2.12 1.68 -5.53
C PHE A 380 -2.57 2.80 -6.44
N PHE A 381 -3.85 2.73 -6.86
CA PHE A 381 -4.37 3.74 -7.78
C PHE A 381 -4.19 5.15 -7.23
N ASP A 382 -4.47 5.35 -5.94
CA ASP A 382 -4.38 6.70 -5.41
C ASP A 382 -2.96 7.25 -5.44
N GLN A 383 -1.96 6.37 -5.37
CA GLN A 383 -0.58 6.80 -5.48
C GLN A 383 -0.12 6.88 -6.92
N ALA A 384 -0.58 5.98 -7.78
CA ALA A 384 -0.19 6.01 -9.18
C ALA A 384 -0.67 7.30 -9.86
N LEU A 385 -1.87 7.76 -9.47
CA LEU A 385 -2.51 8.89 -10.15
C LEU A 385 -2.23 10.25 -9.49
N GLY A 386 -1.46 10.28 -8.41
CA GLY A 386 -1.11 11.53 -7.76
C GLY A 386 -2.17 12.00 -6.77
N ALA A 387 -1.81 13.04 -6.01
CA ALA A 387 -2.66 13.45 -4.89
C ALA A 387 -4.03 13.93 -5.36
N ASP A 388 -4.09 14.63 -6.50
CA ASP A 388 -5.36 15.17 -6.95
C ASP A 388 -6.27 14.09 -7.52
N VAL A 389 -5.82 13.44 -8.59
CA VAL A 389 -6.65 12.40 -9.21
C VAL A 389 -6.81 11.22 -8.27
N GLY A 390 -5.75 10.85 -7.56
CA GLY A 390 -5.89 9.78 -6.58
C GLY A 390 -6.88 10.13 -5.48
N GLY A 391 -6.92 11.40 -5.08
CA GLY A 391 -7.93 11.86 -4.13
C GLY A 391 -9.34 11.73 -4.67
N VAL A 392 -9.53 12.00 -5.97
CA VAL A 392 -10.82 11.76 -6.60
C VAL A 392 -11.19 10.28 -6.53
N VAL A 393 -10.23 9.39 -6.83
CA VAL A 393 -10.52 7.95 -6.73
C VAL A 393 -10.93 7.59 -5.30
N ASN A 394 -10.22 8.11 -4.31
CA ASN A 394 -10.58 7.85 -2.92
C ASN A 394 -11.97 8.37 -2.61
N ASP A 395 -12.30 9.56 -3.08
CA ASP A 395 -13.60 10.16 -2.81
C ASP A 395 -14.73 9.37 -3.47
N ILE A 396 -14.55 8.93 -4.72
CA ILE A 396 -15.63 8.21 -5.40
C ILE A 396 -15.78 6.79 -4.87
N SER A 397 -14.75 6.24 -4.25
CA SER A 397 -14.86 4.89 -3.69
C SER A 397 -15.84 4.90 -2.52
N VAL A 398 -15.67 5.82 -1.57
CA VAL A 398 -16.67 5.93 -0.50
C VAL A 398 -17.96 6.52 -1.03
N GLY A 399 -17.89 7.36 -2.07
CA GLY A 399 -19.10 7.97 -2.62
C GLY A 399 -20.03 6.95 -3.24
N ILE A 400 -19.49 5.98 -3.97
CA ILE A 400 -20.34 4.91 -4.50
C ILE A 400 -21.00 4.14 -3.36
N VAL A 401 -20.23 3.82 -2.31
CA VAL A 401 -20.75 3.02 -1.22
C VAL A 401 -21.87 3.75 -0.48
N ASN A 402 -21.71 5.05 -0.32
CA ASN A 402 -22.68 5.87 0.39
C ASN A 402 -23.83 6.35 -0.50
N GLY A 403 -23.79 6.08 -1.80
CA GLY A 403 -24.85 6.50 -2.69
C GLY A 403 -24.78 7.96 -3.13
N ASP A 404 -23.64 8.61 -2.95
CA ASP A 404 -23.49 10.01 -3.34
C ASP A 404 -23.19 10.19 -4.83
N VAL A 405 -22.61 9.16 -5.48
CA VAL A 405 -22.37 9.18 -6.91
C VAL A 405 -22.72 7.81 -7.47
N THR A 406 -23.21 7.79 -8.70
CA THR A 406 -23.46 6.52 -9.38
C THR A 406 -22.13 5.97 -9.91
N PRO A 407 -22.09 4.68 -10.24
CA PRO A 407 -20.87 4.12 -10.85
C PRO A 407 -20.39 4.87 -12.08
N LYS A 408 -21.29 5.25 -12.96
CA LYS A 408 -20.92 6.02 -14.14
C LYS A 408 -20.37 7.40 -13.84
N GLU A 409 -21.00 8.08 -12.92
CA GLU A 409 -20.57 9.39 -12.54
C GLU A 409 -19.19 9.35 -11.89
N ALA A 410 -18.97 8.35 -11.06
CA ALA A 410 -17.66 8.16 -10.46
C ALA A 410 -16.55 8.00 -11.50
N ALA A 411 -16.78 7.12 -12.46
CA ALA A 411 -15.76 6.91 -13.48
C ALA A 411 -15.54 8.17 -14.30
N GLU A 412 -16.63 8.88 -14.60
CA GLU A 412 -16.51 10.16 -15.31
C GLU A 412 -15.65 11.15 -14.53
N GLN A 413 -15.84 11.22 -13.21
CA GLN A 413 -15.05 12.18 -12.42
C GLN A 413 -13.58 11.83 -12.44
N VAL A 414 -13.24 10.54 -12.34
CA VAL A 414 -11.83 10.14 -12.39
C VAL A 414 -11.22 10.53 -13.73
N GLN A 415 -11.95 10.25 -14.83
CA GLN A 415 -11.41 10.53 -16.15
C GLN A 415 -11.22 12.03 -16.37
N GLU A 416 -12.20 12.84 -15.95
CA GLU A 416 -12.10 14.28 -16.16
C GLU A 416 -10.93 14.87 -15.36
N ALA A 417 -10.76 14.42 -14.12
CA ALA A 417 -9.63 14.91 -13.33
C ALA A 417 -8.30 14.45 -13.94
N TRP A 418 -8.26 13.22 -14.45
CA TRP A 418 -7.03 12.70 -15.02
C TRP A 418 -6.64 13.48 -16.28
N GLU A 419 -7.62 13.78 -17.14
CA GLU A 419 -7.33 14.57 -18.32
C GLU A 419 -6.69 15.91 -17.97
N MET A 420 -7.17 16.54 -16.89
CA MET A 420 -6.58 17.82 -16.49
C MET A 420 -5.19 17.64 -15.91
N ARG A 421 -4.96 16.55 -15.15
CA ARG A 421 -3.60 16.30 -14.66
C ARG A 421 -2.63 16.13 -15.82
N LEU A 422 -3.03 15.39 -16.86
CA LEU A 422 -2.18 15.23 -18.04
C LEU A 422 -1.89 16.57 -18.70
N GLU A 423 -2.92 17.42 -18.83
CA GLU A 423 -2.76 18.72 -19.47
C GLU A 423 -1.76 19.58 -18.73
N HIS A 424 -1.78 19.56 -17.40
CA HIS A 424 -1.00 20.51 -16.60
C HIS A 424 0.36 19.98 -16.14
N HIS A 425 0.84 18.87 -16.68
CA HIS A 425 2.17 18.37 -16.33
C HIS A 425 2.94 17.98 -17.59
N HIS A 426 4.26 17.98 -17.47
CA HIS A 426 5.11 17.53 -18.57
C HIS A 426 4.71 16.17 -19.09
C1 XYS B . 0.72 1.64 6.72
C2 XYS B . 1.74 1.40 5.62
C3 XYS B . 1.61 2.48 4.56
C4 XYS B . 0.17 2.50 4.04
C5 XYS B . -0.74 2.81 5.23
O1 XYS B . 0.98 2.87 7.42
O2 XYS B . 3.07 1.47 6.16
O3 XYS B . 2.54 2.25 3.51
O4 XYS B . 0.05 3.59 3.10
O5 XYS B . -0.59 1.73 6.17
C1 XYP B . -1.12 3.56 2.39
C2 XYP B . -1.29 4.94 1.77
C3 XYP B . -2.44 4.89 0.77
C4 XYP B . -2.18 3.78 -0.25
C5 XYP B . -1.88 2.45 0.43
O2 XYP B . -1.61 5.90 2.78
O3 XYP B . -2.56 6.15 0.14
O4 XYP B . -3.35 3.58 -1.07
O5 XYP B . -0.78 2.65 1.34
C1 GOL C . 1.71 -1.47 9.97
O1 GOL C . 2.27 -2.68 10.46
C2 GOL C . 2.37 -0.29 10.68
O2 GOL C . 3.61 0.04 10.06
C3 GOL C . 1.44 0.91 10.65
O3 GOL C . 2.17 2.07 11.02
#